data_5IWN
#
_entry.id   5IWN
#
_cell.length_a   157.400
_cell.length_b   160.870
_cell.length_c   167.350
_cell.angle_alpha   90.00
_cell.angle_beta   90.00
_cell.angle_gamma   90.00
#
_symmetry.space_group_name_H-M   'I 2 2 2'
#
loop_
_entity.id
_entity.type
_entity.pdbx_description
1 polymer 'Ion transport protein'
2 non-polymer 'BROMIDE ION'
#
_entity_poly.entity_id   1
_entity_poly.type   'polypeptide(L)'
_entity_poly.pdbx_seq_one_letter_code
;GPSSPSLLRAIPGIAWIALLLLVIFYVFAVMGTKLFAQSFPEWFGTLGASMYTLFQVMTLESWSMGIARPVIEAYPWAWI
YFVSFILVSSFTVLNLFIGIIIESMQSAHWEAEDAKRIEQEQRAHDERLEMLQLIRDLSSKVDRLERRSGKR
;
_entity_poly.pdbx_strand_id   A,B,C,D
#
loop_
_chem_comp.id
_chem_comp.type
_chem_comp.name
_chem_comp.formula
BR non-polymer 'BROMIDE ION' 'Br -1'
#
# COMPACT_ATOMS: atom_id res chain seq x y z
N PRO A 12 4.57 -21.76 2.11
CA PRO A 12 3.69 -21.36 1.00
C PRO A 12 3.36 -19.86 0.97
N GLY A 13 4.40 -19.02 1.01
CA GLY A 13 4.28 -17.58 0.81
C GLY A 13 4.44 -16.67 2.03
N ILE A 14 3.46 -15.78 2.21
CA ILE A 14 3.41 -14.92 3.39
C ILE A 14 3.00 -15.75 4.62
N ALA A 15 2.15 -16.75 4.38
CA ALA A 15 1.79 -17.71 5.41
C ALA A 15 3.05 -18.34 6.04
N TRP A 16 4.15 -18.34 5.31
CA TRP A 16 5.42 -18.78 5.87
C TRP A 16 5.96 -17.80 6.89
N ILE A 17 5.70 -16.51 6.66
CA ILE A 17 6.22 -15.45 7.54
C ILE A 17 5.43 -15.28 8.84
N ALA A 18 4.14 -15.61 8.84
CA ALA A 18 3.33 -15.59 10.06
C ALA A 18 3.66 -16.76 11.00
N LEU A 19 4.54 -17.66 10.56
CA LEU A 19 5.18 -18.62 11.45
C LEU A 19 6.37 -17.99 12.19
N LEU A 20 7.14 -17.14 11.49
CA LEU A 20 8.27 -16.39 12.07
C LEU A 20 7.85 -15.42 13.15
N LEU A 21 6.63 -14.91 13.00
CA LEU A 21 5.96 -13.99 13.92
C LEU A 21 5.25 -14.68 15.12
N LEU A 22 4.83 -15.93 14.92
CA LEU A 22 4.43 -16.80 16.03
C LEU A 22 5.59 -17.41 16.83
N VAL A 23 6.77 -17.43 16.24
CA VAL A 23 7.96 -17.88 16.94
C VAL A 23 8.51 -16.74 17.82
N ILE A 24 8.55 -15.51 17.29
CA ILE A 24 8.99 -14.32 18.04
C ILE A 24 8.18 -14.13 19.33
N PHE A 25 6.85 -14.20 19.24
CA PHE A 25 5.98 -14.09 20.42
C PHE A 25 6.39 -15.07 21.49
N TYR A 26 6.66 -16.30 21.05
CA TYR A 26 7.11 -17.38 21.91
C TYR A 26 8.52 -17.16 22.49
N VAL A 27 9.46 -16.74 21.65
CA VAL A 27 10.83 -16.37 22.06
C VAL A 27 10.80 -15.30 23.17
N PHE A 28 9.89 -14.35 23.05
CA PHE A 28 9.80 -13.23 23.98
C PHE A 28 8.91 -13.53 25.19
N ALA A 29 8.01 -14.51 25.07
CA ALA A 29 7.12 -14.89 26.19
C ALA A 29 7.83 -15.76 27.23
N VAL A 30 8.53 -16.79 26.76
CA VAL A 30 9.37 -17.60 27.64
C VAL A 30 10.48 -16.73 28.21
N MET A 31 11.13 -15.97 27.32
CA MET A 31 12.09 -14.94 27.70
C MET A 31 11.48 -13.98 28.74
N GLY A 32 10.19 -13.69 28.58
CA GLY A 32 9.49 -12.73 29.45
C GLY A 32 9.01 -13.30 30.78
N THR A 33 8.44 -14.50 30.75
CA THR A 33 8.06 -15.16 31.98
C THR A 33 9.33 -15.42 32.75
N LYS A 34 10.24 -16.21 32.17
CA LYS A 34 11.53 -16.58 32.80
C LYS A 34 12.35 -15.37 33.34
N LEU A 35 12.00 -14.16 32.92
CA LEU A 35 12.68 -12.96 33.38
C LEU A 35 11.93 -12.18 34.49
N PHE A 36 10.65 -11.90 34.26
CA PHE A 36 9.97 -10.88 35.06
C PHE A 36 8.90 -11.37 35.99
N ALA A 37 8.38 -12.57 35.71
CA ALA A 37 7.39 -13.22 36.55
C ALA A 37 7.48 -12.91 38.04
N GLN A 38 8.69 -13.02 38.60
CA GLN A 38 8.95 -12.85 40.04
C GLN A 38 8.44 -11.53 40.62
N SER A 39 8.73 -10.43 39.94
CA SER A 39 8.34 -9.11 40.43
C SER A 39 7.04 -8.58 39.81
N PHE A 40 6.66 -9.13 38.66
CA PHE A 40 5.48 -8.69 37.92
C PHE A 40 4.69 -9.91 37.59
N PRO A 41 4.01 -10.45 38.60
CA PRO A 41 3.21 -11.65 38.41
C PRO A 41 2.01 -11.26 37.55
N GLU A 42 1.64 -9.99 37.67
CA GLU A 42 0.58 -9.36 36.90
C GLU A 42 0.72 -9.70 35.43
N TRP A 43 1.85 -9.33 34.88
CA TRP A 43 2.04 -9.40 33.47
C TRP A 43 2.68 -10.68 33.00
N PHE A 44 3.79 -11.05 33.63
CA PHE A 44 4.63 -12.14 33.12
C PHE A 44 4.66 -13.37 34.00
N GLY A 45 3.87 -13.34 35.09
CA GLY A 45 3.82 -14.39 36.12
C GLY A 45 3.52 -15.81 35.65
N THR A 46 2.86 -15.91 34.51
CA THR A 46 2.66 -17.16 33.81
C THR A 46 3.07 -16.96 32.33
N LEU A 47 2.99 -18.02 31.52
CA LEU A 47 3.23 -17.84 30.08
C LEU A 47 2.05 -17.13 29.39
N GLY A 48 0.87 -17.73 29.49
CA GLY A 48 -0.36 -17.18 28.92
C GLY A 48 -0.60 -15.70 29.14
N ALA A 49 -0.16 -15.18 30.27
CA ALA A 49 -0.27 -13.76 30.54
C ALA A 49 0.86 -12.96 29.88
N SER A 50 2.07 -13.54 29.87
CA SER A 50 3.23 -12.91 29.26
C SER A 50 3.12 -12.84 27.71
N MET A 51 2.06 -13.41 27.18
CA MET A 51 1.73 -13.29 25.77
C MET A 51 0.72 -12.19 25.59
N TYR A 52 -0.31 -12.18 26.43
CA TYR A 52 -1.33 -11.12 26.41
C TYR A 52 -0.71 -9.77 26.68
N THR A 53 0.31 -9.77 27.53
CA THR A 53 1.08 -8.57 27.77
C THR A 53 1.89 -8.25 26.50
N LEU A 54 2.41 -9.29 25.85
CA LEU A 54 3.12 -9.06 24.61
C LEU A 54 2.17 -8.63 23.50
N PHE A 55 0.93 -9.11 23.51
CA PHE A 55 -0.06 -8.69 22.51
C PHE A 55 -0.53 -7.26 22.74
N GLN A 56 -0.50 -6.81 24.00
CA GLN A 56 -0.86 -5.45 24.32
C GLN A 56 0.29 -4.55 23.94
N VAL A 57 1.52 -5.00 24.21
CA VAL A 57 2.75 -4.24 23.87
C VAL A 57 2.95 -4.14 22.35
N MET A 58 2.30 -5.04 21.62
CA MET A 58 2.39 -5.07 20.19
C MET A 58 1.39 -4.07 19.62
N THR A 59 0.27 -3.92 20.30
CA THR A 59 -0.77 -3.03 19.84
C THR A 59 -0.44 -1.62 20.26
N LEU A 60 0.74 -1.46 20.85
CA LEU A 60 1.18 -0.16 21.33
C LEU A 60 0.20 0.47 22.34
N GLU A 61 -0.47 -0.38 23.08
CA GLU A 61 -1.39 0.06 24.10
C GLU A 61 -0.60 0.11 25.44
N SER A 62 -0.28 1.32 25.91
CA SER A 62 0.32 1.55 27.26
C SER A 62 1.66 0.90 27.54
N TRP A 63 2.22 0.27 26.50
CA TRP A 63 3.50 -0.43 26.56
C TRP A 63 4.60 0.17 27.42
N SER A 64 4.65 1.50 27.54
CA SER A 64 5.72 2.16 28.26
C SER A 64 5.25 2.87 29.52
N MET A 65 4.03 3.36 29.53
CA MET A 65 3.54 4.02 30.72
C MET A 65 3.04 2.92 31.68
N GLY A 66 2.17 2.06 31.15
CA GLY A 66 1.54 1.02 31.94
C GLY A 66 2.40 -0.20 32.24
N ILE A 67 3.21 -0.65 31.28
CA ILE A 67 4.06 -1.86 31.45
C ILE A 67 5.53 -1.49 31.65
N ALA A 68 6.18 -1.07 30.56
CA ALA A 68 7.64 -0.99 30.44
C ALA A 68 8.37 0.04 31.28
N ARG A 69 7.69 1.09 31.74
CA ARG A 69 8.40 2.09 32.50
C ARG A 69 8.41 1.73 33.98
N PRO A 70 7.38 0.99 34.43
CA PRO A 70 7.32 0.24 35.70
C PRO A 70 8.32 -0.92 35.81
N VAL A 71 8.32 -1.81 34.82
CA VAL A 71 9.36 -2.82 34.69
C VAL A 71 10.78 -2.20 34.82
N ILE A 72 11.10 -1.25 33.95
CA ILE A 72 12.43 -0.60 33.93
C ILE A 72 12.80 0.01 35.30
N GLU A 73 11.80 0.33 36.11
CA GLU A 73 12.12 0.74 37.46
C GLU A 73 12.85 -0.38 38.22
N ALA A 74 12.36 -1.63 38.11
CA ALA A 74 12.86 -2.77 38.93
C ALA A 74 14.02 -3.56 38.34
N TYR A 75 14.08 -3.63 37.01
CA TYR A 75 15.26 -4.08 36.31
C TYR A 75 15.58 -2.98 35.30
N PRO A 76 16.58 -2.13 35.60
CA PRO A 76 16.85 -0.91 34.81
C PRO A 76 17.32 -1.12 33.35
N TRP A 77 17.32 -2.35 32.85
CA TRP A 77 17.80 -2.64 31.49
C TRP A 77 16.72 -3.14 30.55
N ALA A 78 15.48 -3.15 31.03
CA ALA A 78 14.44 -3.93 30.37
C ALA A 78 13.91 -3.27 29.12
N TRP A 79 14.47 -2.10 28.84
CA TRP A 79 14.07 -1.31 27.68
C TRP A 79 14.49 -1.96 26.42
N ILE A 80 15.69 -2.54 26.44
CA ILE A 80 16.16 -3.38 25.36
C ILE A 80 15.20 -4.52 25.08
N TYR A 81 14.53 -5.05 26.13
CA TYR A 81 13.49 -6.10 25.94
C TYR A 81 12.26 -5.55 25.14
N PHE A 82 11.84 -4.34 25.51
CA PHE A 82 10.65 -3.71 24.93
C PHE A 82 10.88 -2.96 23.66
N VAL A 83 12.02 -2.30 23.56
CA VAL A 83 12.37 -1.59 22.33
C VAL A 83 12.72 -2.57 21.21
N SER A 84 13.50 -3.61 21.52
CA SER A 84 13.69 -4.71 20.57
C SER A 84 12.40 -5.49 20.21
N PHE A 85 11.46 -5.64 21.17
CA PHE A 85 10.20 -6.33 20.87
C PHE A 85 9.27 -5.53 19.95
N ILE A 86 9.11 -4.24 20.22
CA ILE A 86 8.35 -3.33 19.36
C ILE A 86 8.91 -3.20 17.92
N LEU A 87 10.24 -3.14 17.81
CA LEU A 87 10.94 -3.12 16.52
C LEU A 87 10.79 -4.38 15.68
N VAL A 88 11.40 -5.47 16.14
CA VAL A 88 11.20 -6.82 15.58
C VAL A 88 9.72 -7.14 15.33
N SER A 89 8.90 -7.08 16.39
CA SER A 89 7.50 -7.41 16.25
C SER A 89 6.72 -6.32 15.51
N SER A 90 7.36 -5.22 15.14
CA SER A 90 6.69 -4.34 14.21
C SER A 90 7.15 -4.54 12.79
N PHE A 91 8.46 -4.44 12.54
CA PHE A 91 9.01 -4.66 11.19
C PHE A 91 8.41 -5.93 10.58
N THR A 92 8.11 -6.92 11.41
CA THR A 92 7.64 -8.21 10.89
C THR A 92 6.16 -8.20 10.53
N VAL A 93 5.39 -7.28 11.08
CA VAL A 93 4.03 -7.13 10.60
C VAL A 93 3.93 -5.93 9.68
N LEU A 94 5.08 -5.48 9.20
CA LEU A 94 5.08 -4.59 8.06
C LEU A 94 5.13 -5.47 6.83
N ASN A 95 5.83 -6.60 6.95
CA ASN A 95 5.89 -7.64 5.91
C ASN A 95 4.54 -8.27 5.62
N LEU A 96 3.77 -8.54 6.66
CA LEU A 96 2.42 -9.04 6.44
C LEU A 96 1.49 -7.99 5.77
N PHE A 97 1.64 -6.71 6.11
CA PHE A 97 0.81 -5.63 5.51
C PHE A 97 1.31 -5.24 4.16
N ILE A 98 2.49 -5.73 3.81
CA ILE A 98 3.04 -5.59 2.47
C ILE A 98 2.71 -6.80 1.59
N GLY A 99 3.30 -7.96 1.86
CA GLY A 99 3.11 -9.18 1.04
C GLY A 99 1.67 -9.49 0.69
N ILE A 100 0.79 -9.08 1.59
CA ILE A 100 -0.65 -9.06 1.35
C ILE A 100 -1.01 -7.98 0.34
N ILE A 101 -0.70 -6.71 0.65
CA ILE A 101 -0.91 -5.57 -0.27
C ILE A 101 -0.56 -5.89 -1.74
N ILE A 102 0.51 -6.68 -1.92
CA ILE A 102 1.03 -7.17 -3.23
C ILE A 102 0.23 -8.32 -3.83
N GLU A 103 0.15 -9.47 -3.14
CA GLU A 103 -0.66 -10.59 -3.62
C GLU A 103 -2.15 -10.21 -3.61
N SER A 104 -2.45 -8.98 -3.17
CA SER A 104 -3.74 -8.34 -3.40
C SER A 104 -3.76 -7.82 -4.82
N MET A 105 -2.86 -6.88 -5.14
CA MET A 105 -2.69 -6.36 -6.50
C MET A 105 -2.55 -7.49 -7.53
N GLN A 106 -1.74 -8.50 -7.18
CA GLN A 106 -1.48 -9.66 -8.01
C GLN A 106 -2.76 -10.29 -8.57
N SER A 107 -3.79 -10.46 -7.75
CA SER A 107 -5.05 -11.07 -8.19
C SER A 107 -5.90 -10.12 -9.02
N ALA A 108 -5.94 -8.86 -8.59
CA ALA A 108 -6.73 -7.82 -9.24
C ALA A 108 -6.36 -7.74 -10.69
N HIS A 109 -5.06 -7.80 -10.95
CA HIS A 109 -4.54 -7.28 -12.18
C HIS A 109 -3.54 -8.14 -12.84
N TRP A 110 -2.42 -8.31 -12.17
CA TRP A 110 -1.21 -8.84 -12.77
C TRP A 110 -1.34 -10.23 -13.36
N GLU A 111 -1.77 -11.19 -12.55
CA GLU A 111 -2.05 -12.52 -13.05
C GLU A 111 -2.94 -12.39 -14.29
N ALA A 112 -4.06 -11.66 -14.14
CA ALA A 112 -5.08 -11.56 -15.19
C ALA A 112 -4.58 -10.92 -16.50
N GLU A 113 -4.06 -9.70 -16.43
CA GLU A 113 -3.53 -9.01 -17.62
C GLU A 113 -2.21 -9.65 -18.13
N ASP A 114 -1.29 -9.96 -17.22
CA ASP A 114 -0.07 -10.66 -17.58
C ASP A 114 -0.34 -11.86 -18.49
N ALA A 115 -1.43 -12.59 -18.23
CA ALA A 115 -1.82 -13.73 -19.06
C ALA A 115 -2.48 -13.28 -20.36
N LYS A 116 -3.16 -12.15 -20.34
CA LYS A 116 -3.78 -11.60 -21.56
C LYS A 116 -2.78 -10.87 -22.45
N ARG A 117 -1.50 -10.85 -22.05
CA ARG A 117 -0.45 -10.36 -22.93
C ARG A 117 0.37 -11.53 -23.45
N ILE A 118 0.53 -12.57 -22.62
CA ILE A 118 1.10 -13.84 -23.09
C ILE A 118 0.39 -14.25 -24.36
N GLU A 119 -0.94 -14.20 -24.31
CA GLU A 119 -1.77 -14.66 -25.40
C GLU A 119 -1.86 -13.63 -26.53
N GLN A 120 -1.92 -12.35 -26.21
CA GLN A 120 -2.01 -11.32 -27.25
C GLN A 120 -0.79 -11.33 -28.16
N GLU A 121 0.36 -11.68 -27.57
CA GLU A 121 1.56 -11.91 -28.36
C GLU A 121 1.49 -13.25 -29.07
N GLN A 122 1.17 -14.30 -28.32
CA GLN A 122 0.96 -15.62 -28.94
C GLN A 122 0.20 -15.46 -30.29
N ARG A 123 -0.92 -14.73 -30.27
CA ARG A 123 -1.82 -14.72 -31.43
C ARG A 123 -1.23 -13.98 -32.62
N ALA A 124 -0.55 -12.87 -32.32
CA ALA A 124 0.18 -12.11 -33.32
C ALA A 124 1.47 -12.82 -33.77
N HIS A 125 2.10 -13.58 -32.87
CA HIS A 125 3.27 -14.42 -33.21
C HIS A 125 2.97 -15.40 -34.30
N ASP A 126 1.78 -16.01 -34.23
CA ASP A 126 1.29 -16.99 -35.21
C ASP A 126 0.89 -16.33 -36.51
N GLU A 127 0.34 -15.12 -36.40
CA GLU A 127 0.07 -14.26 -37.57
C GLU A 127 1.34 -14.02 -38.44
N ARG A 128 2.45 -13.69 -37.78
CA ARG A 128 3.71 -13.43 -38.48
C ARG A 128 4.26 -14.77 -38.98
N LEU A 129 4.17 -15.82 -38.16
CA LEU A 129 4.59 -17.19 -38.52
C LEU A 129 3.75 -17.85 -39.63
N GLU A 130 2.61 -17.21 -39.92
CA GLU A 130 1.77 -17.56 -41.04
C GLU A 130 2.15 -16.76 -42.27
N MET A 131 2.38 -15.45 -42.09
CA MET A 131 2.89 -14.62 -43.17
C MET A 131 4.20 -15.21 -43.64
N LEU A 132 5.10 -15.40 -42.69
CA LEU A 132 6.36 -16.05 -42.89
C LEU A 132 6.24 -17.26 -43.78
N GLN A 133 5.11 -17.98 -43.65
CA GLN A 133 4.81 -19.08 -44.54
C GLN A 133 4.68 -18.71 -46.01
N LEU A 134 3.60 -17.99 -46.32
CA LEU A 134 3.29 -17.64 -47.71
C LEU A 134 4.54 -17.23 -48.41
N ILE A 135 5.30 -16.36 -47.74
CA ILE A 135 6.46 -15.76 -48.32
C ILE A 135 7.38 -16.86 -48.82
N ARG A 136 7.60 -17.86 -47.97
CA ARG A 136 8.43 -18.96 -48.37
C ARG A 136 7.75 -19.78 -49.46
N ASP A 137 6.42 -19.79 -49.45
CA ASP A 137 5.64 -20.44 -50.50
C ASP A 137 5.85 -19.75 -51.85
N LEU A 138 5.78 -18.42 -51.82
CA LEU A 138 6.04 -17.61 -52.99
C LEU A 138 7.45 -17.76 -53.52
N SER A 139 8.46 -17.54 -52.69
CA SER A 139 9.83 -17.86 -53.13
C SER A 139 9.91 -19.15 -53.97
N SER A 140 9.44 -20.27 -53.40
CA SER A 140 9.44 -21.58 -54.03
C SER A 140 8.81 -21.54 -55.41
N LYS A 141 7.78 -20.71 -55.56
CA LYS A 141 7.03 -20.59 -56.81
C LYS A 141 7.80 -19.79 -57.86
N VAL A 142 8.47 -18.72 -57.41
CA VAL A 142 9.31 -17.93 -58.29
C VAL A 142 10.52 -18.77 -58.69
N ASP A 143 11.13 -19.43 -57.70
CA ASP A 143 12.23 -20.37 -57.92
C ASP A 143 11.95 -21.44 -58.97
N ARG A 144 10.76 -22.02 -58.95
CA ARG A 144 10.41 -23.00 -59.96
C ARG A 144 10.24 -22.33 -61.30
N LEU A 145 9.49 -21.22 -61.32
CA LEU A 145 9.36 -20.38 -62.52
C LEU A 145 10.71 -19.98 -63.12
N GLU A 146 11.67 -19.67 -62.25
CA GLU A 146 13.04 -19.37 -62.64
C GLU A 146 13.70 -20.55 -63.38
N ARG A 147 13.70 -21.73 -62.76
CA ARG A 147 14.38 -22.90 -63.30
C ARG A 147 13.76 -23.33 -64.59
N ARG A 148 12.44 -23.28 -64.64
CA ARG A 148 11.72 -23.76 -65.80
C ARG A 148 11.81 -22.87 -67.04
N SER A 149 12.52 -21.75 -66.98
CA SER A 149 12.93 -21.09 -68.23
C SER A 149 14.35 -20.54 -68.12
N GLY A 150 15.33 -21.44 -68.23
CA GLY A 150 16.75 -21.09 -68.18
C GLY A 150 17.46 -21.60 -69.42
N PRO B 12 -21.78 -4.36 -4.98
CA PRO B 12 -21.00 -3.36 -5.73
C PRO B 12 -19.50 -3.22 -5.31
N GLY B 13 -18.90 -4.28 -4.76
CA GLY B 13 -17.45 -4.31 -4.48
C GLY B 13 -16.91 -3.89 -3.11
N ILE B 14 -16.34 -2.69 -3.03
CA ILE B 14 -15.64 -2.20 -1.81
C ILE B 14 -16.45 -2.46 -0.54
N ALA B 15 -17.58 -1.75 -0.41
CA ALA B 15 -18.44 -1.83 0.78
C ALA B 15 -19.13 -3.21 1.01
N TRP B 16 -18.66 -4.27 0.34
CA TRP B 16 -19.03 -5.65 0.71
C TRP B 16 -18.29 -6.03 1.95
N ILE B 17 -17.10 -5.45 2.14
CA ILE B 17 -16.34 -5.59 3.37
C ILE B 17 -16.82 -4.58 4.43
N ALA B 18 -17.24 -3.39 3.99
CA ALA B 18 -17.79 -2.36 4.90
C ALA B 18 -19.09 -2.80 5.55
N LEU B 19 -19.91 -3.53 4.79
CA LEU B 19 -21.12 -4.16 5.32
C LEU B 19 -20.80 -5.30 6.31
N LEU B 20 -19.78 -6.11 6.00
CA LEU B 20 -19.29 -7.15 6.92
C LEU B 20 -18.77 -6.57 8.24
N LEU B 21 -17.95 -5.52 8.15
CA LEU B 21 -17.39 -4.85 9.34
C LEU B 21 -18.49 -4.28 10.23
N LEU B 22 -19.50 -3.65 9.61
CA LEU B 22 -20.69 -3.16 10.31
C LEU B 22 -21.37 -4.28 11.07
N VAL B 23 -21.38 -5.48 10.47
CA VAL B 23 -21.92 -6.73 11.07
C VAL B 23 -21.19 -7.18 12.33
N ILE B 24 -19.91 -7.50 12.18
CA ILE B 24 -19.06 -7.94 13.28
C ILE B 24 -19.15 -6.97 14.47
N PHE B 25 -19.24 -5.67 14.17
CA PHE B 25 -19.37 -4.61 15.19
C PHE B 25 -20.63 -4.82 16.02
N TYR B 26 -21.59 -5.45 15.39
CA TYR B 26 -22.89 -5.65 15.96
C TYR B 26 -22.99 -7.06 16.59
N VAL B 27 -22.58 -8.07 15.83
CA VAL B 27 -22.44 -9.45 16.35
C VAL B 27 -21.86 -9.39 17.75
N PHE B 28 -20.65 -8.87 17.84
CA PHE B 28 -19.94 -8.66 19.07
C PHE B 28 -20.63 -7.73 20.06
N ALA B 29 -21.21 -6.64 19.55
CA ALA B 29 -21.82 -5.64 20.43
C ALA B 29 -22.90 -6.30 21.30
N VAL B 30 -23.76 -7.12 20.69
CA VAL B 30 -24.76 -7.90 21.42
C VAL B 30 -24.08 -8.90 22.35
N MET B 31 -23.09 -9.59 21.81
CA MET B 31 -22.25 -10.54 22.53
C MET B 31 -21.87 -9.96 23.90
N GLY B 32 -21.25 -8.80 23.90
CA GLY B 32 -20.69 -8.22 25.13
C GLY B 32 -21.65 -7.50 26.06
N THR B 33 -22.86 -7.19 25.57
CA THR B 33 -23.93 -6.61 26.38
C THR B 33 -24.57 -7.73 27.15
N LYS B 34 -24.69 -8.87 26.47
CA LYS B 34 -25.25 -10.08 27.07
C LYS B 34 -24.34 -10.59 28.20
N LEU B 35 -23.09 -10.89 27.88
CA LEU B 35 -22.14 -11.36 28.89
C LEU B 35 -21.81 -10.34 30.00
N PHE B 36 -21.53 -9.09 29.63
CA PHE B 36 -20.83 -8.20 30.55
C PHE B 36 -21.67 -7.12 31.20
N ALA B 37 -22.87 -6.85 30.68
CA ALA B 37 -23.63 -5.64 31.04
C ALA B 37 -23.99 -5.50 32.52
N GLN B 38 -24.00 -6.62 33.23
CA GLN B 38 -24.25 -6.73 34.68
C GLN B 38 -23.06 -6.39 35.60
N SER B 39 -21.88 -6.86 35.24
CA SER B 39 -20.67 -6.57 36.00
C SER B 39 -20.02 -5.25 35.59
N PHE B 40 -20.21 -4.82 34.34
CA PHE B 40 -19.72 -3.49 33.87
C PHE B 40 -20.80 -2.71 33.13
N PRO B 41 -21.78 -2.14 33.87
CA PRO B 41 -22.83 -1.42 33.15
C PRO B 41 -22.36 -0.14 32.49
N GLU B 42 -21.26 0.44 32.99
CA GLU B 42 -20.69 1.67 32.44
CA GLU B 42 -20.74 1.69 32.41
C GLU B 42 -20.21 1.50 30.99
N TRP B 43 -19.59 0.35 30.73
CA TRP B 43 -19.01 0.04 29.43
C TRP B 43 -19.93 -0.72 28.50
N PHE B 44 -20.61 -1.75 29.01
CA PHE B 44 -21.46 -2.58 28.16
C PHE B 44 -22.96 -2.58 28.54
N GLY B 45 -23.34 -1.66 29.43
CA GLY B 45 -24.73 -1.54 29.93
C GLY B 45 -25.83 -1.76 28.91
N THR B 46 -25.90 -0.86 27.94
CA THR B 46 -26.89 -0.96 26.88
C THR B 46 -26.25 -1.71 25.70
N LEU B 47 -26.92 -1.82 24.56
CA LEU B 47 -26.20 -2.24 23.33
C LEU B 47 -25.38 -1.07 22.76
N GLY B 48 -26.03 0.09 22.61
CA GLY B 48 -25.39 1.28 22.08
C GLY B 48 -24.18 1.77 22.86
N ALA B 49 -23.96 1.16 24.04
CA ALA B 49 -22.81 1.44 24.92
C ALA B 49 -21.61 0.57 24.58
N SER B 50 -21.88 -0.57 23.95
CA SER B 50 -20.86 -1.44 23.43
C SER B 50 -20.42 -0.95 22.03
N MET B 51 -21.37 -0.40 21.29
CA MET B 51 -21.10 0.23 19.99
C MET B 51 -20.03 1.31 20.11
N TYR B 52 -20.09 2.14 21.15
CA TYR B 52 -19.00 3.07 21.45
C TYR B 52 -17.75 2.32 21.92
N THR B 53 -17.87 1.57 23.01
CA THR B 53 -16.71 0.91 23.64
C THR B 53 -15.89 0.02 22.67
N LEU B 54 -16.59 -0.65 21.74
CA LEU B 54 -15.91 -1.45 20.74
C LEU B 54 -15.30 -0.59 19.65
N PHE B 55 -15.80 0.64 19.52
CA PHE B 55 -15.20 1.61 18.59
C PHE B 55 -13.86 2.14 19.11
N GLN B 56 -13.75 2.33 20.41
CA GLN B 56 -12.48 2.74 20.98
C GLN B 56 -11.54 1.54 21.19
N VAL B 57 -12.10 0.33 21.27
CA VAL B 57 -11.25 -0.85 21.35
C VAL B 57 -10.63 -1.03 19.98
N MET B 58 -11.46 -0.84 18.96
CA MET B 58 -11.04 -0.90 17.58
C MET B 58 -9.91 0.10 17.26
N THR B 59 -10.00 1.34 17.75
CA THR B 59 -8.91 2.31 17.50
C THR B 59 -7.74 2.08 18.46
N LEU B 60 -7.88 1.06 19.30
CA LEU B 60 -6.83 0.59 20.24
C LEU B 60 -6.52 1.52 21.41
N GLU B 61 -7.51 2.26 21.88
CA GLU B 61 -7.21 3.29 22.83
C GLU B 61 -7.50 2.71 24.18
N SER B 62 -6.46 2.58 24.99
CA SER B 62 -6.58 1.96 26.33
C SER B 62 -7.47 0.72 26.35
N TRP B 63 -7.41 -0.10 25.30
CA TRP B 63 -8.32 -1.25 25.14
C TRP B 63 -8.16 -2.29 26.21
N SER B 64 -6.91 -2.65 26.49
CA SER B 64 -6.61 -3.67 27.49
C SER B 64 -6.50 -3.06 28.88
N MET B 65 -5.42 -2.30 29.09
CA MET B 65 -5.08 -1.78 30.39
C MET B 65 -6.22 -1.05 31.08
N GLY B 66 -7.12 -0.48 30.30
CA GLY B 66 -8.25 0.26 30.86
C GLY B 66 -9.61 -0.38 30.69
N ILE B 67 -9.73 -1.37 29.82
CA ILE B 67 -11.02 -2.03 29.60
C ILE B 67 -11.04 -3.58 29.78
N ALA B 68 -10.22 -4.27 28.98
CA ALA B 68 -10.12 -5.74 28.95
C ALA B 68 -9.51 -6.33 30.22
N ARG B 69 -8.33 -5.85 30.61
CA ARG B 69 -7.71 -6.26 31.86
C ARG B 69 -8.68 -6.16 33.04
N PRO B 70 -9.44 -5.01 33.15
CA PRO B 70 -10.54 -4.83 34.12
C PRO B 70 -11.71 -5.81 34.04
N VAL B 71 -12.10 -6.19 32.83
CA VAL B 71 -13.17 -7.18 32.59
C VAL B 71 -12.67 -8.59 32.84
N ILE B 72 -11.44 -8.85 32.37
CA ILE B 72 -10.75 -10.11 32.58
C ILE B 72 -10.60 -10.51 34.06
N GLU B 73 -10.39 -9.53 34.92
CA GLU B 73 -10.41 -9.77 36.36
C GLU B 73 -11.76 -10.38 36.80
N ALA B 74 -12.86 -9.98 36.13
CA ALA B 74 -14.23 -10.50 36.42
C ALA B 74 -14.46 -11.87 35.81
N TYR B 75 -14.07 -11.96 34.55
CA TYR B 75 -14.31 -13.16 33.78
C TYR B 75 -13.02 -13.60 33.07
N PRO B 76 -12.14 -14.36 33.78
CA PRO B 76 -10.76 -14.65 33.34
C PRO B 76 -10.64 -15.28 31.95
N TRP B 77 -11.75 -15.33 31.22
CA TRP B 77 -11.82 -15.92 29.89
C TRP B 77 -12.26 -14.93 28.85
N ALA B 78 -12.44 -13.66 29.23
CA ALA B 78 -13.02 -12.60 28.37
C ALA B 78 -12.03 -12.12 27.32
N TRP B 79 -10.76 -12.37 27.60
CA TRP B 79 -9.67 -12.10 26.70
C TRP B 79 -9.88 -12.64 25.29
N ILE B 80 -10.59 -13.75 25.18
CA ILE B 80 -10.99 -14.34 23.91
C ILE B 80 -11.94 -13.43 23.18
N TYR B 81 -12.73 -12.66 23.96
CA TYR B 81 -13.68 -11.66 23.41
C TYR B 81 -12.95 -10.46 22.82
N PHE B 82 -11.92 -10.03 23.53
CA PHE B 82 -11.10 -8.90 23.14
C PHE B 82 -10.10 -9.23 22.04
N VAL B 83 -9.24 -10.24 22.27
CA VAL B 83 -8.24 -10.73 21.28
C VAL B 83 -8.83 -11.32 19.98
N SER B 84 -10.08 -11.76 20.01
CA SER B 84 -10.74 -12.16 18.78
C SER B 84 -11.13 -10.93 17.97
N PHE B 85 -11.77 -9.96 18.63
CA PHE B 85 -12.27 -8.71 18.02
C PHE B 85 -11.13 -7.91 17.42
N ILE B 86 -10.06 -7.75 18.18
CA ILE B 86 -8.87 -7.07 17.70
C ILE B 86 -8.44 -7.65 16.36
N LEU B 87 -8.04 -8.92 16.37
CA LEU B 87 -7.63 -9.64 15.16
C LEU B 87 -8.66 -9.48 14.03
N VAL B 88 -9.86 -10.02 14.25
CA VAL B 88 -10.97 -9.96 13.29
C VAL B 88 -11.23 -8.59 12.68
N SER B 89 -11.57 -7.59 13.52
CA SER B 89 -11.90 -6.24 13.03
C SER B 89 -10.70 -5.51 12.44
N SER B 90 -9.49 -5.87 12.89
CA SER B 90 -8.28 -5.46 12.17
C SER B 90 -8.27 -5.98 10.73
N PHE B 91 -8.05 -7.29 10.55
CA PHE B 91 -8.03 -7.93 9.21
C PHE B 91 -9.02 -7.30 8.23
N THR B 92 -10.22 -6.93 8.74
CA THR B 92 -11.28 -6.31 7.95
C THR B 92 -10.98 -4.86 7.62
N VAL B 93 -10.71 -4.07 8.67
CA VAL B 93 -10.38 -2.66 8.53
C VAL B 93 -9.25 -2.48 7.51
N LEU B 94 -8.36 -3.48 7.47
CA LEU B 94 -7.28 -3.54 6.49
C LEU B 94 -7.79 -3.52 5.07
N ASN B 95 -8.90 -4.21 4.82
CA ASN B 95 -9.28 -4.48 3.46
C ASN B 95 -10.21 -3.48 2.79
N LEU B 96 -10.66 -2.49 3.56
CA LEU B 96 -11.17 -1.29 2.94
C LEU B 96 -10.00 -0.48 2.41
N PHE B 97 -8.91 -0.47 3.18
CA PHE B 97 -7.66 0.21 2.81
C PHE B 97 -7.06 -0.42 1.55
N ILE B 98 -6.85 -1.74 1.58
CA ILE B 98 -6.41 -2.47 0.39
C ILE B 98 -7.45 -2.43 -0.71
N GLY B 99 -8.73 -2.30 -0.33
CA GLY B 99 -9.83 -2.18 -1.28
C GLY B 99 -9.91 -0.84 -2.00
N ILE B 100 -9.74 0.24 -1.24
CA ILE B 100 -9.68 1.58 -1.82
C ILE B 100 -8.35 1.76 -2.59
N ILE B 101 -7.23 1.28 -2.05
CA ILE B 101 -5.96 1.26 -2.80
C ILE B 101 -6.21 0.74 -4.22
N ILE B 102 -6.61 -0.53 -4.30
CA ILE B 102 -6.75 -1.21 -5.58
C ILE B 102 -7.63 -0.43 -6.52
N GLU B 103 -8.87 -0.22 -6.11
CA GLU B 103 -9.83 0.56 -6.89
C GLU B 103 -9.30 1.98 -7.22
N SER B 104 -8.33 2.46 -6.44
CA SER B 104 -7.74 3.77 -6.72
C SER B 104 -6.74 3.67 -7.86
N MET B 105 -5.70 2.84 -7.69
CA MET B 105 -4.75 2.59 -8.75
C MET B 105 -5.52 2.35 -10.05
N GLN B 106 -6.54 1.50 -9.96
CA GLN B 106 -7.44 1.20 -11.06
C GLN B 106 -7.88 2.43 -11.85
N SER B 107 -8.35 3.45 -11.13
CA SER B 107 -8.80 4.65 -11.79
C SER B 107 -7.68 5.29 -12.61
N ALA B 108 -6.67 5.87 -11.95
CA ALA B 108 -5.65 6.69 -12.63
C ALA B 108 -4.81 5.92 -13.64
N HIS B 109 -4.66 4.61 -13.47
CA HIS B 109 -3.84 3.87 -14.40
C HIS B 109 -4.44 2.65 -15.05
N TRP B 110 -4.64 1.60 -14.27
CA TRP B 110 -5.04 0.28 -14.79
C TRP B 110 -6.10 0.24 -15.87
N GLU B 111 -7.19 1.01 -15.70
CA GLU B 111 -8.30 1.01 -16.65
C GLU B 111 -7.89 1.61 -18.00
N ALA B 112 -7.27 2.80 -17.97
CA ALA B 112 -6.83 3.51 -19.19
C ALA B 112 -5.69 2.78 -19.96
N GLU B 113 -5.01 1.83 -19.29
CA GLU B 113 -3.90 1.09 -19.88
C GLU B 113 -4.38 -0.06 -20.77
N ASP B 114 -5.38 -0.80 -20.31
CA ASP B 114 -5.84 -1.97 -21.06
C ASP B 114 -6.51 -1.55 -22.32
N ALA B 115 -6.97 -0.30 -22.34
CA ALA B 115 -7.60 0.30 -23.51
C ALA B 115 -6.57 0.84 -24.50
N LYS B 116 -5.64 1.67 -24.00
CA LYS B 116 -4.56 2.19 -24.85
C LYS B 116 -3.74 1.06 -25.49
N ARG B 117 -3.83 -0.15 -24.94
CA ARG B 117 -3.01 -1.27 -25.39
C ARG B 117 -3.77 -2.20 -26.31
N ILE B 118 -5.05 -2.39 -26.03
CA ILE B 118 -5.86 -3.26 -26.84
C ILE B 118 -5.98 -2.57 -28.18
N GLU B 119 -6.07 -1.25 -28.15
CA GLU B 119 -6.30 -0.46 -29.35
C GLU B 119 -5.04 -0.28 -30.22
N GLN B 120 -3.84 -0.23 -29.62
CA GLN B 120 -2.61 -0.25 -30.41
C GLN B 120 -2.38 -1.61 -31.04
N GLU B 121 -3.06 -2.62 -30.51
CA GLU B 121 -3.01 -3.99 -31.03
C GLU B 121 -4.02 -4.24 -32.12
N GLN B 122 -5.16 -3.59 -32.06
CA GLN B 122 -6.06 -3.58 -33.20
C GLN B 122 -5.30 -3.06 -34.43
N ARG B 123 -4.79 -1.83 -34.36
CA ARG B 123 -4.01 -1.26 -35.47
C ARG B 123 -2.92 -2.21 -35.96
N ALA B 124 -2.14 -2.74 -35.02
CA ALA B 124 -1.06 -3.65 -35.37
C ALA B 124 -1.63 -4.83 -36.13
N HIS B 125 -2.77 -5.34 -35.65
CA HIS B 125 -3.48 -6.45 -36.29
C HIS B 125 -3.87 -6.16 -37.72
N ASP B 126 -4.47 -4.99 -37.95
CA ASP B 126 -5.02 -4.66 -39.26
C ASP B 126 -3.92 -4.34 -40.25
N GLU B 127 -2.86 -3.67 -39.77
CA GLU B 127 -1.65 -3.46 -40.56
C GLU B 127 -1.09 -4.80 -41.05
N ARG B 128 -1.11 -5.78 -40.15
CA ARG B 128 -0.66 -7.16 -40.38
C ARG B 128 -1.60 -7.92 -41.30
N LEU B 129 -2.85 -7.46 -41.32
CA LEU B 129 -3.87 -8.09 -42.12
C LEU B 129 -3.72 -7.73 -43.57
N GLU B 130 -3.65 -6.43 -43.82
CA GLU B 130 -3.35 -5.87 -45.14
C GLU B 130 -2.16 -6.56 -45.82
N MET B 131 -1.06 -6.69 -45.10
CA MET B 131 0.10 -7.39 -45.60
C MET B 131 -0.25 -8.79 -46.02
N LEU B 132 -1.03 -9.47 -45.19
CA LEU B 132 -1.47 -10.81 -45.46
C LEU B 132 -2.21 -10.99 -46.82
N GLN B 133 -3.27 -10.20 -47.05
CA GLN B 133 -4.02 -10.19 -48.34
C GLN B 133 -3.08 -9.79 -49.45
N LEU B 134 -2.26 -8.75 -49.21
CA LEU B 134 -1.31 -8.26 -50.22
C LEU B 134 -0.37 -9.32 -50.77
N ILE B 135 0.09 -10.21 -49.90
CA ILE B 135 0.99 -11.27 -50.31
C ILE B 135 0.22 -12.31 -51.08
N ARG B 136 -1.00 -12.61 -50.62
CA ARG B 136 -1.88 -13.54 -51.35
C ARG B 136 -2.02 -13.16 -52.82
N ASP B 137 -2.47 -11.93 -53.10
CA ASP B 137 -2.69 -11.44 -54.48
C ASP B 137 -1.42 -11.51 -55.31
N LEU B 138 -0.31 -11.06 -54.71
CA LEU B 138 1.03 -11.24 -55.27
C LEU B 138 1.43 -12.72 -55.37
N SER B 139 1.03 -13.54 -54.41
CA SER B 139 1.28 -14.97 -54.53
C SER B 139 0.47 -15.51 -55.68
N SER B 140 -0.69 -14.91 -55.91
CA SER B 140 -1.61 -15.37 -56.94
C SER B 140 -1.60 -14.60 -58.26
N LYS B 141 -0.72 -13.60 -58.38
CA LYS B 141 -0.33 -13.18 -59.73
C LYS B 141 0.69 -14.20 -60.24
N VAL B 142 1.64 -14.56 -59.36
CA VAL B 142 2.73 -15.47 -59.73
C VAL B 142 2.22 -16.91 -59.90
N ASP B 143 1.13 -17.25 -59.18
CA ASP B 143 0.41 -18.48 -59.45
C ASP B 143 -0.07 -18.45 -60.90
N ARG B 144 -0.75 -17.37 -61.29
CA ARG B 144 -1.26 -17.20 -62.67
C ARG B 144 -0.16 -17.18 -63.74
N LEU B 145 0.86 -16.35 -63.51
CA LEU B 145 2.00 -16.23 -64.39
C LEU B 145 2.74 -17.57 -64.63
N GLU B 146 2.90 -18.37 -63.58
CA GLU B 146 3.58 -19.65 -63.68
C GLU B 146 2.84 -20.73 -64.50
N ARG B 147 1.53 -20.57 -64.68
CA ARG B 147 0.72 -21.58 -65.36
C ARG B 147 0.63 -21.29 -66.83
N ARG B 148 0.89 -20.04 -67.19
CA ARG B 148 0.97 -19.66 -68.59
C ARG B 148 2.41 -19.76 -69.15
N SER B 149 3.40 -19.32 -68.35
CA SER B 149 4.84 -19.39 -68.70
C SER B 149 5.16 -20.14 -69.99
N PRO C 12 -5.31 20.94 -8.40
CA PRO C 12 -3.87 20.79 -8.46
C PRO C 12 -3.24 19.68 -7.60
N GLY C 13 -4.02 18.67 -7.18
CA GLY C 13 -3.47 17.43 -6.55
C GLY C 13 -3.84 17.06 -5.10
N ILE C 14 -2.82 17.05 -4.23
CA ILE C 14 -2.96 16.68 -2.80
C ILE C 14 -3.03 17.83 -1.78
N ALA C 15 -2.25 18.91 -1.98
CA ALA C 15 -2.37 20.09 -1.11
C ALA C 15 -3.76 20.75 -1.27
N TRP C 16 -4.50 20.24 -2.27
CA TRP C 16 -5.94 20.50 -2.47
C TRP C 16 -6.71 19.78 -1.38
N ILE C 17 -6.32 18.54 -1.08
CA ILE C 17 -6.84 17.77 0.07
C ILE C 17 -6.23 18.22 1.41
N ALA C 18 -5.02 18.79 1.36
CA ALA C 18 -4.32 19.32 2.53
C ALA C 18 -5.09 20.46 3.17
N LEU C 19 -5.63 21.35 2.34
CA LEU C 19 -6.54 22.37 2.82
C LEU C 19 -7.83 21.78 3.39
N LEU C 20 -8.38 20.75 2.76
CA LEU C 20 -9.59 20.10 3.31
C LEU C 20 -9.39 19.68 4.76
N LEU C 21 -8.31 18.93 5.01
CA LEU C 21 -8.00 18.48 6.36
C LEU C 21 -7.79 19.66 7.29
N LEU C 22 -7.22 20.74 6.76
CA LEU C 22 -7.02 21.97 7.54
C LEU C 22 -8.33 22.75 7.85
N VAL C 23 -9.29 22.63 6.96
CA VAL C 23 -10.54 23.35 7.10
C VAL C 23 -11.58 22.48 7.79
N ILE C 24 -11.35 21.15 7.82
CA ILE C 24 -12.09 20.16 8.68
C ILE C 24 -11.73 20.31 10.18
N PHE C 25 -10.43 20.44 10.42
CA PHE C 25 -9.90 20.81 11.72
C PHE C 25 -10.53 22.14 12.13
N TYR C 26 -10.14 23.24 11.47
CA TYR C 26 -10.61 24.58 11.81
C TYR C 26 -12.05 24.63 12.34
N VAL C 27 -12.92 23.94 11.63
CA VAL C 27 -14.34 23.81 11.91
C VAL C 27 -14.65 23.17 13.24
N PHE C 28 -14.18 21.94 13.41
CA PHE C 28 -14.36 21.23 14.66
C PHE C 28 -13.71 21.99 15.82
N ALA C 29 -12.61 22.68 15.53
CA ALA C 29 -11.91 23.46 16.55
C ALA C 29 -12.80 24.54 17.13
N VAL C 30 -13.30 25.43 16.25
CA VAL C 30 -14.19 26.52 16.70
C VAL C 30 -15.43 25.90 17.30
N MET C 31 -15.93 24.81 16.67
CA MET C 31 -17.14 24.13 17.14
C MET C 31 -16.93 23.58 18.56
N GLY C 32 -15.75 23.00 18.80
CA GLY C 32 -15.39 22.46 20.12
C GLY C 32 -15.32 23.52 21.19
N THR C 33 -14.63 24.62 20.91
CA THR C 33 -14.46 25.71 21.88
C THR C 33 -15.78 26.38 22.18
N LYS C 34 -16.59 26.57 21.15
CA LYS C 34 -17.93 27.12 21.34
C LYS C 34 -18.90 26.09 21.96
N LEU C 35 -18.38 24.91 22.30
CA LEU C 35 -19.17 23.87 22.95
C LEU C 35 -18.81 23.49 24.40
N PHE C 36 -17.51 23.36 24.67
CA PHE C 36 -17.01 22.78 25.91
C PHE C 36 -16.22 23.76 26.79
N ALA C 37 -15.93 24.94 26.22
CA ALA C 37 -15.01 25.93 26.82
C ALA C 37 -15.40 26.36 28.22
N GLN C 38 -16.65 26.10 28.57
CA GLN C 38 -17.18 26.42 29.89
C GLN C 38 -16.78 25.38 30.91
N SER C 39 -16.75 24.13 30.50
CA SER C 39 -16.58 23.03 31.44
C SER C 39 -15.20 22.39 31.28
N PHE C 40 -14.60 22.55 30.11
CA PHE C 40 -13.36 21.86 29.84
C PHE C 40 -12.21 22.77 29.42
N PRO C 41 -11.92 23.80 30.25
CA PRO C 41 -11.02 24.91 30.01
C PRO C 41 -9.70 24.47 29.45
N GLU C 42 -9.03 23.59 30.17
CA GLU C 42 -7.75 23.08 29.71
C GLU C 42 -7.85 22.48 28.27
N TRP C 43 -8.93 21.75 27.96
CA TRP C 43 -8.97 21.08 26.64
C TRP C 43 -9.45 21.99 25.54
N PHE C 44 -10.59 22.64 25.78
CA PHE C 44 -11.23 23.51 24.78
C PHE C 44 -11.42 24.95 25.32
N GLY C 45 -10.45 25.43 26.10
CA GLY C 45 -10.56 26.72 26.77
C GLY C 45 -10.46 27.87 25.82
N THR C 46 -9.72 27.66 24.74
CA THR C 46 -9.49 28.64 23.68
C THR C 46 -9.55 27.91 22.32
N LEU C 47 -9.24 28.60 21.22
CA LEU C 47 -9.24 27.93 19.91
C LEU C 47 -8.02 27.06 19.71
N GLY C 48 -6.85 27.64 20.01
CA GLY C 48 -5.60 26.90 19.93
C GLY C 48 -5.76 25.63 20.74
N ALA C 49 -6.24 25.82 21.97
CA ALA C 49 -6.44 24.76 23.00
C ALA C 49 -7.09 23.52 22.42
N SER C 50 -8.13 23.79 21.65
CA SER C 50 -8.91 22.78 20.95
C SER C 50 -8.18 22.25 19.72
N MET C 51 -7.60 23.13 18.93
CA MET C 51 -6.79 22.66 17.84
C MET C 51 -5.86 21.56 18.37
N TYR C 52 -5.08 21.85 19.41
CA TYR C 52 -4.13 20.87 19.98
C TYR C 52 -4.83 19.62 20.44
N THR C 53 -5.82 19.83 21.30
CA THR C 53 -6.52 18.71 21.88
C THR C 53 -7.00 17.79 20.74
N LEU C 54 -7.48 18.38 19.64
CA LEU C 54 -7.99 17.60 18.49
C LEU C 54 -6.90 16.89 17.71
N PHE C 55 -5.70 17.49 17.71
CA PHE C 55 -4.59 16.81 17.08
C PHE C 55 -4.30 15.59 17.96
N GLN C 56 -4.36 15.76 19.29
CA GLN C 56 -4.18 14.66 20.21
C GLN C 56 -5.22 13.55 20.01
N VAL C 57 -6.46 13.96 19.73
CA VAL C 57 -7.53 13.00 19.39
C VAL C 57 -7.34 12.44 17.97
N MET C 58 -6.85 13.30 17.08
CA MET C 58 -6.65 12.94 15.70
C MET C 58 -5.59 11.88 15.61
N THR C 59 -4.60 11.95 16.50
CA THR C 59 -3.54 10.93 16.59
C THR C 59 -3.95 9.80 17.52
N LEU C 60 -5.25 9.71 17.82
CA LEU C 60 -5.81 8.61 18.63
C LEU C 60 -5.09 8.31 19.95
N GLU C 61 -4.32 9.31 20.40
CA GLU C 61 -3.49 9.18 21.57
C GLU C 61 -4.35 9.47 22.77
N SER C 62 -4.81 8.41 23.40
CA SER C 62 -5.46 8.54 24.69
C SER C 62 -6.83 9.32 24.62
N TRP C 63 -7.49 9.28 23.45
CA TRP C 63 -8.70 10.07 23.18
C TRP C 63 -9.97 9.76 23.92
N SER C 64 -10.16 8.51 24.33
CA SER C 64 -11.44 8.22 24.89
C SER C 64 -11.38 8.32 26.39
N MET C 65 -10.41 7.68 27.02
CA MET C 65 -10.41 7.63 28.49
C MET C 65 -10.05 8.98 29.02
N GLY C 66 -9.47 9.79 28.13
CA GLY C 66 -8.84 11.05 28.50
C GLY C 66 -9.73 12.23 28.21
N ILE C 67 -10.37 12.21 27.05
CA ILE C 67 -11.12 13.36 26.57
C ILE C 67 -12.60 13.02 26.44
N ALA C 68 -12.94 12.22 25.43
CA ALA C 68 -14.35 11.99 25.03
C ALA C 68 -15.23 11.49 26.16
N ARG C 69 -14.84 10.38 26.80
CA ARG C 69 -15.56 9.78 27.95
C ARG C 69 -15.86 10.74 29.11
N PRO C 70 -14.82 11.32 29.74
CA PRO C 70 -15.01 12.43 30.69
C PRO C 70 -15.80 13.66 30.19
N VAL C 71 -15.76 13.95 28.88
CA VAL C 71 -16.61 14.99 28.25
C VAL C 71 -18.04 14.49 28.09
N ILE C 72 -18.19 13.32 27.47
CA ILE C 72 -19.48 12.64 27.35
C ILE C 72 -20.23 12.65 28.68
N GLU C 73 -19.48 12.70 29.77
CA GLU C 73 -20.04 12.72 31.11
C GLU C 73 -20.98 13.92 31.30
N ALA C 74 -20.57 15.07 30.76
CA ALA C 74 -21.29 16.33 30.94
C ALA C 74 -22.28 16.61 29.82
N TYR C 75 -21.88 16.29 28.59
CA TYR C 75 -22.81 16.37 27.46
C TYR C 75 -22.91 14.94 26.90
N PRO C 76 -24.04 14.25 27.16
CA PRO C 76 -23.96 12.82 26.87
C PRO C 76 -24.18 12.56 25.39
N TRP C 77 -24.33 13.63 24.61
CA TRP C 77 -24.37 13.53 23.14
C TRP C 77 -22.99 13.61 22.47
N ALA C 78 -22.00 14.06 23.25
CA ALA C 78 -20.66 14.46 22.76
C ALA C 78 -19.95 13.42 21.90
N TRP C 79 -20.48 12.20 21.92
CA TRP C 79 -19.81 11.16 21.23
C TRP C 79 -19.84 11.49 19.78
N ILE C 80 -21.01 11.94 19.32
CA ILE C 80 -21.18 12.46 17.98
C ILE C 80 -19.95 13.25 17.54
N TYR C 81 -19.65 14.32 18.28
CA TYR C 81 -18.54 15.21 18.00
C TYR C 81 -17.20 14.46 17.81
N PHE C 82 -16.89 13.55 18.74
CA PHE C 82 -15.60 12.82 18.78
C PHE C 82 -15.45 11.65 17.78
N VAL C 83 -16.50 10.86 17.69
CA VAL C 83 -16.57 9.70 16.81
C VAL C 83 -16.74 10.15 15.37
N SER C 84 -17.40 11.28 15.17
CA SER C 84 -17.53 11.88 13.86
C SER C 84 -16.23 12.52 13.38
N PHE C 85 -15.63 13.39 14.21
CA PHE C 85 -14.33 14.01 13.88
C PHE C 85 -13.24 12.99 13.58
N ILE C 86 -13.26 11.86 14.30
CA ILE C 86 -12.35 10.73 14.03
C ILE C 86 -12.49 10.28 12.57
N LEU C 87 -13.74 10.05 12.17
CA LEU C 87 -14.10 9.43 10.91
C LEU C 87 -13.89 10.36 9.73
N VAL C 88 -14.37 11.59 9.87
CA VAL C 88 -14.05 12.67 8.93
C VAL C 88 -12.54 12.77 8.66
N SER C 89 -11.77 13.15 9.68
CA SER C 89 -10.34 13.44 9.53
C SER C 89 -9.48 12.24 9.13
N SER C 90 -9.73 11.06 9.70
CA SER C 90 -8.92 9.88 9.38
C SER C 90 -9.11 9.46 7.91
N PHE C 91 -10.33 9.57 7.40
CA PHE C 91 -10.59 9.33 5.98
C PHE C 91 -9.89 10.34 5.09
N THR C 92 -9.97 11.62 5.47
CA THR C 92 -9.25 12.72 4.77
C THR C 92 -7.74 12.47 4.70
N VAL C 93 -7.19 11.81 5.72
CA VAL C 93 -5.76 11.45 5.71
C VAL C 93 -5.50 10.21 4.85
N LEU C 94 -6.52 9.36 4.69
CA LEU C 94 -6.38 8.17 3.83
C LEU C 94 -6.26 8.58 2.35
N ASN C 95 -6.98 9.65 1.98
CA ASN C 95 -6.84 10.30 0.67
C ASN C 95 -5.54 10.96 0.32
N LEU C 96 -5.15 12.01 1.05
CA LEU C 96 -3.80 12.55 1.03
C LEU C 96 -2.76 11.42 1.03
N PHE C 97 -2.92 10.41 1.89
CA PHE C 97 -2.06 9.22 1.82
C PHE C 97 -2.08 8.59 0.41
N ILE C 98 -3.26 8.14 -0.02
CA ILE C 98 -3.40 7.40 -1.29
C ILE C 98 -2.91 8.21 -2.50
N GLY C 99 -3.52 9.37 -2.74
CA GLY C 99 -3.06 10.31 -3.79
C GLY C 99 -1.56 10.55 -3.74
N ILE C 100 -0.96 10.19 -2.60
CA ILE C 100 0.48 10.22 -2.40
C ILE C 100 1.13 8.84 -2.65
N ILE C 101 0.39 7.75 -2.47
CA ILE C 101 0.90 6.44 -2.90
C ILE C 101 0.91 6.34 -4.43
N ILE C 102 -0.14 6.87 -5.05
CA ILE C 102 -0.31 6.82 -6.49
C ILE C 102 0.62 7.77 -7.19
N GLU C 103 0.50 9.07 -6.96
CA GLU C 103 1.50 10.00 -7.50
C GLU C 103 2.95 9.50 -7.22
N SER C 104 3.08 8.58 -6.26
CA SER C 104 4.33 7.81 -6.06
C SER C 104 4.57 6.81 -7.20
N MET C 105 3.71 5.81 -7.29
CA MET C 105 3.76 4.84 -8.40
C MET C 105 4.02 5.53 -9.74
N GLN C 106 3.14 6.47 -10.07
CA GLN C 106 3.21 7.21 -11.32
C GLN C 106 4.64 7.49 -11.73
N SER C 107 5.33 8.33 -10.95
CA SER C 107 6.65 8.77 -11.38
C SER C 107 7.73 7.70 -11.23
N ALA C 108 7.46 6.67 -10.45
CA ALA C 108 8.39 5.56 -10.27
C ALA C 108 8.39 4.59 -11.46
N HIS C 109 7.19 4.33 -11.96
CA HIS C 109 6.97 3.28 -12.94
C HIS C 109 6.14 3.67 -14.14
N TRP C 110 4.84 3.89 -13.91
CA TRP C 110 3.87 4.15 -14.96
C TRP C 110 4.26 5.20 -15.93
N GLU C 111 5.13 6.11 -15.49
CA GLU C 111 5.61 7.19 -16.35
C GLU C 111 6.29 6.62 -17.56
N ALA C 112 7.38 5.91 -17.29
CA ALA C 112 8.26 5.41 -18.31
C ALA C 112 7.64 4.24 -19.03
N GLU C 113 7.14 3.26 -18.28
CA GLU C 113 6.61 2.07 -18.92
C GLU C 113 5.51 2.41 -19.96
N ASP C 114 4.80 3.52 -19.79
CA ASP C 114 3.87 3.95 -20.82
C ASP C 114 4.53 4.69 -21.97
N ALA C 115 5.60 5.44 -21.70
CA ALA C 115 6.32 6.14 -22.77
C ALA C 115 7.20 5.18 -23.54
N LYS C 116 7.88 4.28 -22.81
CA LYS C 116 8.74 3.25 -23.40
C LYS C 116 7.99 2.20 -24.23
N ARG C 117 6.67 2.15 -24.14
CA ARG C 117 5.89 1.24 -24.98
C ARG C 117 5.33 1.91 -26.24
N ILE C 118 5.07 3.24 -26.19
CA ILE C 118 4.60 4.03 -27.37
C ILE C 118 5.71 4.04 -28.38
N GLU C 119 6.92 4.16 -27.86
CA GLU C 119 8.11 4.17 -28.63
C GLU C 119 8.49 2.76 -29.16
N GLN C 120 7.97 1.72 -28.51
CA GLN C 120 8.11 0.36 -29.06
C GLN C 120 7.14 0.07 -30.16
N GLU C 121 5.92 0.57 -30.04
CA GLU C 121 4.96 0.48 -31.11
C GLU C 121 5.20 1.50 -32.22
N GLN C 122 6.14 2.40 -32.02
CA GLN C 122 6.64 3.18 -33.13
C GLN C 122 7.56 2.35 -33.99
N ARG C 123 8.71 1.96 -33.42
CA ARG C 123 9.61 0.97 -34.00
C ARG C 123 8.80 -0.05 -34.78
N ALA C 124 7.91 -0.75 -34.09
CA ALA C 124 7.09 -1.79 -34.69
C ALA C 124 6.37 -1.35 -35.97
N HIS C 125 5.39 -0.45 -35.84
CA HIS C 125 4.62 0.05 -36.99
C HIS C 125 5.49 0.39 -38.17
N ASP C 126 6.58 1.11 -37.92
CA ASP C 126 7.54 1.44 -38.96
C ASP C 126 8.05 0.19 -39.71
N GLU C 127 8.57 -0.79 -38.95
CA GLU C 127 8.95 -2.09 -39.54
C GLU C 127 7.81 -2.70 -40.35
N ARG C 128 6.61 -2.72 -39.79
CA ARG C 128 5.48 -3.34 -40.47
C ARG C 128 5.04 -2.51 -41.68
N LEU C 129 5.47 -1.26 -41.75
CA LEU C 129 5.23 -0.46 -42.93
C LEU C 129 6.35 -0.61 -43.94
N GLU C 130 7.57 -0.76 -43.45
CA GLU C 130 8.74 -0.96 -44.28
C GLU C 130 8.49 -2.07 -45.27
N MET C 131 7.76 -3.07 -44.84
CA MET C 131 7.50 -4.18 -45.70
C MET C 131 6.13 -4.12 -46.39
N LEU C 132 5.31 -3.12 -46.08
CA LEU C 132 4.25 -2.82 -47.04
C LEU C 132 4.88 -2.35 -48.34
N GLN C 133 5.98 -1.62 -48.18
CA GLN C 133 6.71 -1.13 -49.29
C GLN C 133 7.34 -2.09 -50.27
N LEU C 134 8.30 -2.87 -49.80
CA LEU C 134 8.84 -4.02 -50.52
C LEU C 134 7.79 -4.85 -51.20
N ILE C 135 6.71 -5.16 -50.46
CA ILE C 135 5.65 -6.01 -50.97
C ILE C 135 4.78 -5.36 -52.04
N ARG C 136 4.76 -4.03 -52.06
CA ARG C 136 4.15 -3.34 -53.18
C ARG C 136 5.07 -3.17 -54.42
N ASP C 137 6.35 -2.85 -54.16
CA ASP C 137 7.39 -2.83 -55.18
C ASP C 137 7.51 -4.12 -55.95
N LEU C 138 7.76 -5.19 -55.22
CA LEU C 138 7.71 -6.52 -55.78
C LEU C 138 6.39 -6.79 -56.52
N SER C 139 5.29 -6.21 -56.04
CA SER C 139 4.03 -6.46 -56.71
C SER C 139 3.99 -5.69 -58.01
N SER C 140 4.77 -4.61 -58.09
CA SER C 140 5.01 -3.95 -59.38
C SER C 140 5.87 -4.79 -60.31
N LYS C 141 7.14 -5.04 -59.95
CA LYS C 141 8.01 -5.87 -60.81
C LYS C 141 7.22 -7.02 -61.44
N VAL C 142 6.48 -7.74 -60.59
CA VAL C 142 5.68 -8.88 -61.00
C VAL C 142 4.42 -8.47 -61.76
N ASP C 143 4.05 -7.20 -61.64
CA ASP C 143 3.00 -6.63 -62.47
C ASP C 143 3.51 -6.28 -63.89
N ARG C 144 4.83 -6.12 -64.01
CA ARG C 144 5.48 -5.81 -65.30
C ARG C 144 6.08 -7.05 -65.93
N LEU C 145 6.19 -8.11 -65.16
CA LEU C 145 6.39 -9.40 -65.77
C LEU C 145 5.10 -9.93 -66.43
N GLU C 146 3.94 -9.43 -66.00
CA GLU C 146 2.65 -9.87 -66.56
C GLU C 146 2.25 -9.08 -67.79
N ARG C 147 2.69 -7.82 -67.88
CA ARG C 147 2.48 -7.05 -69.10
C ARG C 147 3.64 -7.17 -70.12
N ARG C 148 4.91 -7.22 -69.65
CA ARG C 148 6.08 -7.54 -70.54
C ARG C 148 5.97 -8.96 -71.12
N SER C 149 5.33 -9.82 -70.32
CA SER C 149 4.94 -11.21 -70.67
C SER C 149 6.00 -11.97 -71.47
N PRO D 12 21.47 4.61 -1.42
CA PRO D 12 21.13 3.50 -2.32
C PRO D 12 19.66 3.03 -2.16
N GLY D 13 18.72 3.97 -2.25
CA GLY D 13 17.29 3.65 -2.12
C GLY D 13 16.54 4.30 -0.96
N ILE D 14 15.96 3.48 -0.09
CA ILE D 14 15.12 3.96 1.02
C ILE D 14 15.88 4.33 2.26
N ALA D 15 16.84 3.46 2.64
CA ALA D 15 17.66 3.70 3.82
C ALA D 15 18.35 5.06 3.74
N TRP D 16 18.01 5.81 2.69
CA TRP D 16 18.53 7.15 2.47
C TRP D 16 17.70 8.19 3.19
N ILE D 17 16.43 7.86 3.43
CA ILE D 17 15.66 8.64 4.40
C ILE D 17 15.80 8.01 5.77
N ALA D 18 15.81 6.68 5.82
CA ALA D 18 16.11 5.97 7.06
C ALA D 18 17.31 6.61 7.80
N LEU D 19 18.24 7.20 7.05
CA LEU D 19 19.28 8.02 7.65
C LEU D 19 18.70 9.35 8.14
N LEU D 20 17.93 10.03 7.27
CA LEU D 20 17.29 11.28 7.65
C LEU D 20 16.49 11.12 8.94
N LEU D 21 15.62 10.10 8.99
CA LEU D 21 14.82 9.79 10.18
C LEU D 21 15.64 9.66 11.46
N LEU D 22 16.68 8.83 11.42
CA LEU D 22 17.70 8.79 12.46
C LEU D 22 18.33 10.14 12.82
N VAL D 23 18.52 10.98 11.82
CA VAL D 23 19.12 12.30 12.00
C VAL D 23 18.12 13.25 12.66
N ILE D 24 16.91 13.32 12.11
CA ILE D 24 15.83 14.14 12.67
C ILE D 24 15.77 13.79 14.15
N PHE D 25 15.66 12.49 14.38
CA PHE D 25 15.47 11.96 15.69
C PHE D 25 16.51 12.52 16.63
N TYR D 26 17.75 12.15 16.41
CA TYR D 26 18.85 12.61 17.21
C TYR D 26 18.89 14.15 17.35
N VAL D 27 18.44 14.90 16.34
CA VAL D 27 18.36 16.36 16.46
C VAL D 27 17.39 16.81 17.57
N PHE D 28 16.24 16.14 17.66
CA PHE D 28 15.25 16.44 18.72
C PHE D 28 15.63 15.94 20.12
N ALA D 29 16.27 14.78 20.21
CA ALA D 29 16.79 14.29 21.48
C ALA D 29 17.75 15.30 22.11
N VAL D 30 18.52 16.00 21.28
CA VAL D 30 19.44 17.01 21.78
C VAL D 30 18.69 18.32 21.99
N MET D 31 17.90 18.72 20.99
CA MET D 31 17.04 19.88 21.12
C MET D 31 16.27 19.82 22.44
N GLY D 32 15.87 18.60 22.82
CA GLY D 32 14.94 18.34 23.95
C GLY D 32 15.57 18.24 25.33
N THR D 33 16.66 17.48 25.45
CA THR D 33 17.43 17.38 26.70
C THR D 33 17.95 18.75 27.06
N LYS D 34 18.11 19.57 26.04
CA LYS D 34 18.68 20.90 26.19
C LYS D 34 17.68 21.95 26.68
N LEU D 35 16.40 21.59 26.81
CA LEU D 35 15.39 22.49 27.42
C LEU D 35 14.74 21.89 28.68
N PHE D 36 14.57 20.58 28.63
CA PHE D 36 13.63 19.91 29.50
C PHE D 36 14.24 19.09 30.64
N ALA D 37 15.48 18.65 30.43
CA ALA D 37 16.21 17.88 31.40
C ALA D 37 16.24 18.58 32.73
N GLN D 38 16.04 19.89 32.69
CA GLN D 38 16.15 20.69 33.90
C GLN D 38 14.97 20.43 34.81
N SER D 39 13.75 20.58 34.29
CA SER D 39 12.59 20.39 35.12
C SER D 39 11.98 18.99 34.99
N PHE D 40 12.31 18.25 33.92
CA PHE D 40 11.70 16.93 33.69
C PHE D 40 12.63 15.75 33.53
N PRO D 41 13.53 15.53 34.52
CA PRO D 41 14.63 14.57 34.43
C PRO D 41 14.18 13.20 33.95
N GLU D 42 13.11 12.67 34.54
CA GLU D 42 12.61 11.33 34.20
C GLU D 42 12.44 11.12 32.67
N TRP D 43 12.26 12.21 31.93
CA TRP D 43 11.96 12.11 30.51
C TRP D 43 13.06 12.59 29.63
N PHE D 44 13.63 13.74 29.99
CA PHE D 44 14.65 14.41 29.18
C PHE D 44 15.94 14.72 29.93
N GLY D 45 16.28 13.90 30.91
CA GLY D 45 17.42 14.15 31.80
C GLY D 45 18.76 13.81 31.19
N THR D 46 18.93 12.54 30.87
CA THR D 46 20.12 12.08 30.18
C THR D 46 19.91 12.32 28.65
N LEU D 47 20.87 12.02 27.79
CA LEU D 47 20.50 11.94 26.38
C LEU D 47 19.70 10.66 26.14
N GLY D 48 20.25 9.53 26.59
CA GLY D 48 19.56 8.24 26.63
C GLY D 48 18.11 8.37 27.07
N ALA D 49 17.88 9.31 27.98
CA ALA D 49 16.53 9.62 28.48
C ALA D 49 15.64 10.14 27.37
N SER D 50 16.20 11.08 26.60
CA SER D 50 15.44 11.87 25.63
C SER D 50 15.03 11.02 24.47
N MET D 51 15.75 9.93 24.25
CA MET D 51 15.46 9.03 23.14
C MET D 51 14.34 8.05 23.47
N TYR D 52 14.41 7.43 24.63
CA TYR D 52 13.30 6.57 25.04
C TYR D 52 11.99 7.34 24.92
N THR D 53 11.84 8.33 25.78
CA THR D 53 10.78 9.31 25.71
C THR D 53 10.39 9.71 24.28
N LEU D 54 11.35 9.91 23.38
CA LEU D 54 11.00 10.36 22.02
C LEU D 54 10.50 9.26 21.09
N PHE D 55 10.97 8.04 21.32
CA PHE D 55 10.51 6.90 20.55
C PHE D 55 9.17 6.47 21.10
N GLN D 56 8.93 6.74 22.38
CA GLN D 56 7.62 6.57 23.01
C GLN D 56 6.62 7.57 22.41
N VAL D 57 7.07 8.80 22.17
CA VAL D 57 6.27 9.81 21.48
C VAL D 57 6.04 9.33 20.05
N MET D 58 7.09 8.80 19.44
CA MET D 58 7.00 8.22 18.10
C MET D 58 5.91 7.17 17.99
N THR D 59 5.84 6.26 18.96
CA THR D 59 4.77 5.28 18.96
C THR D 59 3.41 5.87 19.23
N LEU D 60 3.32 7.20 19.26
CA LEU D 60 2.06 7.88 19.62
C LEU D 60 1.35 7.25 20.80
N GLU D 61 2.11 6.70 21.72
CA GLU D 61 1.61 6.12 22.95
C GLU D 61 1.82 7.17 24.02
N SER D 62 0.75 7.50 24.75
CA SER D 62 0.71 8.60 25.74
C SER D 62 1.60 9.81 25.41
N TRP D 63 1.48 10.33 24.19
CA TRP D 63 2.28 11.48 23.81
C TRP D 63 1.80 12.78 24.43
N SER D 64 0.51 13.10 24.39
CA SER D 64 0.08 14.39 24.94
C SER D 64 -0.24 14.34 26.41
N MET D 65 -1.19 13.46 26.75
CA MET D 65 -1.69 13.24 28.10
C MET D 65 -0.58 12.89 29.07
N GLY D 66 0.23 11.92 28.67
CA GLY D 66 1.34 11.37 29.48
C GLY D 66 2.57 12.27 29.59
N ILE D 67 3.05 12.76 28.45
CA ILE D 67 4.36 13.40 28.38
C ILE D 67 4.27 14.90 28.04
N ALA D 68 3.50 15.21 27.01
CA ALA D 68 3.48 16.55 26.41
C ALA D 68 2.84 17.56 27.31
N ARG D 69 1.59 17.28 27.69
CA ARG D 69 0.77 18.19 28.46
C ARG D 69 1.37 18.60 29.79
N PRO D 70 2.04 17.66 30.51
CA PRO D 70 2.76 18.03 31.74
C PRO D 70 3.97 18.96 31.49
N VAL D 71 4.66 18.74 30.39
CA VAL D 71 5.76 19.62 30.04
C VAL D 71 5.22 20.97 29.57
N ILE D 72 4.17 20.94 28.73
CA ILE D 72 3.51 22.13 28.16
C ILE D 72 3.02 23.20 29.16
N GLU D 73 2.48 22.75 30.27
CA GLU D 73 2.08 23.68 31.29
C GLU D 73 3.30 24.29 31.98
N ALA D 74 4.42 23.55 32.01
CA ALA D 74 5.69 24.10 32.52
C ALA D 74 6.31 25.06 31.51
N TYR D 75 6.25 24.70 30.23
CA TYR D 75 6.80 25.54 29.17
C TYR D 75 5.74 25.74 28.11
N PRO D 76 4.92 26.80 28.28
CA PRO D 76 3.81 27.11 27.39
C PRO D 76 4.07 26.69 25.94
N TRP D 77 5.21 27.12 25.42
CA TRP D 77 5.56 26.95 24.00
C TRP D 77 5.91 25.55 23.57
N ALA D 78 5.88 24.60 24.52
CA ALA D 78 6.45 23.25 24.32
C ALA D 78 5.66 22.36 23.35
N TRP D 79 4.47 22.83 22.94
CA TRP D 79 3.79 22.17 21.85
C TRP D 79 4.68 22.19 20.63
N ILE D 80 5.15 23.40 20.24
CA ILE D 80 5.90 23.61 19.00
C ILE D 80 6.79 22.43 18.77
N TYR D 81 7.65 22.17 19.76
CA TYR D 81 8.46 20.98 19.83
C TYR D 81 7.69 19.67 19.59
N PHE D 82 6.82 19.28 20.53
CA PHE D 82 6.15 17.98 20.43
C PHE D 82 5.43 17.72 19.10
N VAL D 83 4.68 18.73 18.68
CA VAL D 83 3.86 18.67 17.49
C VAL D 83 4.69 18.70 16.20
N SER D 84 5.49 19.76 16.03
CA SER D 84 6.40 19.84 14.90
C SER D 84 7.04 18.47 14.79
N PHE D 85 7.62 17.97 15.88
CA PHE D 85 8.28 16.67 15.90
C PHE D 85 7.42 15.54 15.38
N ILE D 86 6.17 15.43 15.85
CA ILE D 86 5.31 14.31 15.41
C ILE D 86 4.91 14.49 13.94
N LEU D 87 4.58 15.72 13.57
CA LEU D 87 4.26 16.04 12.18
C LEU D 87 5.33 15.62 11.20
N VAL D 88 6.50 16.22 11.41
CA VAL D 88 7.71 15.88 10.70
C VAL D 88 8.12 14.41 10.76
N SER D 89 8.25 13.88 11.98
CA SER D 89 8.75 12.51 12.18
C SER D 89 7.82 11.47 11.56
N SER D 90 6.54 11.80 11.45
CA SER D 90 5.58 10.90 10.84
C SER D 90 5.58 11.07 9.33
N PHE D 91 5.61 12.32 8.88
CA PHE D 91 5.74 12.61 7.46
C PHE D 91 6.94 11.90 6.80
N THR D 92 8.02 11.76 7.57
CA THR D 92 9.17 10.91 7.22
C THR D 92 8.78 9.42 7.14
N VAL D 93 8.16 8.90 8.19
CA VAL D 93 7.87 7.46 8.21
C VAL D 93 6.85 7.09 7.15
N LEU D 94 5.99 8.06 6.81
CA LEU D 94 5.01 7.92 5.72
C LEU D 94 5.73 7.56 4.45
N ASN D 95 6.81 8.27 4.18
CA ASN D 95 7.66 7.95 3.05
C ASN D 95 8.27 6.58 3.20
N LEU D 96 9.18 6.45 4.16
CA LEU D 96 9.88 5.20 4.31
C LEU D 96 8.92 4.06 3.99
N PHE D 97 7.75 4.05 4.64
CA PHE D 97 6.73 3.08 4.30
C PHE D 97 6.44 3.00 2.78
N ILE D 98 5.97 4.09 2.16
CA ILE D 98 5.61 4.11 0.71
C ILE D 98 6.76 3.65 -0.12
N GLY D 99 7.93 4.13 0.27
CA GLY D 99 9.18 3.74 -0.34
C GLY D 99 9.36 2.24 -0.34
N ILE D 100 8.95 1.59 0.75
CA ILE D 100 9.10 0.14 0.88
C ILE D 100 7.96 -0.61 0.20
N ILE D 101 6.81 0.04 0.08
CA ILE D 101 5.80 -0.47 -0.80
C ILE D 101 6.33 -0.52 -2.24
N ILE D 102 6.76 0.64 -2.78
CA ILE D 102 7.27 0.74 -4.16
C ILE D 102 8.38 -0.25 -4.42
N GLU D 103 9.46 -0.12 -3.63
CA GLU D 103 10.60 -1.03 -3.55
C GLU D 103 10.20 -2.51 -3.51
N SER D 104 9.01 -2.77 -2.98
CA SER D 104 8.55 -4.14 -2.91
C SER D 104 8.01 -4.56 -4.27
N MET D 105 6.97 -3.87 -4.72
CA MET D 105 6.31 -4.27 -5.96
C MET D 105 7.18 -4.08 -7.20
N GLN D 106 8.16 -3.19 -7.12
CA GLN D 106 9.19 -3.06 -8.16
C GLN D 106 9.95 -4.37 -8.37
N SER D 107 10.19 -5.08 -7.28
CA SER D 107 10.67 -6.44 -7.38
C SER D 107 9.56 -7.36 -7.88
N ALA D 108 8.55 -7.54 -7.03
CA ALA D 108 7.52 -8.56 -7.19
C ALA D 108 7.02 -8.70 -8.62
N HIS D 109 6.85 -7.56 -9.26
CA HIS D 109 6.30 -7.52 -10.57
C HIS D 109 7.22 -6.80 -11.51
N TRP D 110 7.08 -5.47 -11.58
CA TRP D 110 7.64 -4.64 -12.67
C TRP D 110 8.92 -5.06 -13.33
N GLU D 111 10.01 -5.19 -12.57
CA GLU D 111 11.28 -5.67 -13.13
C GLU D 111 11.14 -6.99 -13.84
N ALA D 112 10.48 -7.95 -13.16
CA ALA D 112 10.23 -9.29 -13.68
C ALA D 112 9.44 -9.32 -15.02
N GLU D 113 8.51 -8.38 -15.16
CA GLU D 113 7.68 -8.25 -16.34
C GLU D 113 8.37 -7.43 -17.44
N ASP D 114 8.96 -6.28 -17.10
CA ASP D 114 9.72 -5.48 -18.09
C ASP D 114 10.74 -6.32 -18.85
N ALA D 115 11.46 -7.16 -18.13
CA ALA D 115 12.43 -8.06 -18.75
C ALA D 115 11.81 -8.88 -19.89
N LYS D 116 10.54 -9.23 -19.78
CA LYS D 116 9.89 -10.00 -20.84
C LYS D 116 9.31 -9.11 -21.94
N ARG D 117 8.61 -8.03 -21.57
CA ARG D 117 8.07 -7.09 -22.57
C ARG D 117 9.17 -6.67 -23.53
N ILE D 118 10.41 -6.66 -23.04
CA ILE D 118 11.56 -6.37 -23.89
C ILE D 118 11.97 -7.58 -24.71
N GLU D 119 12.07 -8.72 -24.06
CA GLU D 119 12.64 -9.89 -24.69
C GLU D 119 11.65 -10.65 -25.57
N GLN D 120 10.36 -10.58 -25.26
CA GLN D 120 9.33 -11.10 -26.15
C GLN D 120 9.08 -10.11 -27.27
N GLU D 121 9.75 -8.97 -27.20
CA GLU D 121 9.71 -8.01 -28.28
C GLU D 121 11.03 -7.96 -29.04
N GLN D 122 12.05 -8.58 -28.46
CA GLN D 122 13.24 -8.89 -29.21
C GLN D 122 12.82 -10.00 -30.16
N ARG D 123 12.12 -10.99 -29.62
CA ARG D 123 11.76 -12.16 -30.38
C ARG D 123 10.94 -11.76 -31.55
N ALA D 124 10.02 -10.84 -31.32
CA ALA D 124 9.18 -10.42 -32.42
C ALA D 124 9.86 -9.43 -33.38
N HIS D 125 10.90 -8.71 -32.92
CA HIS D 125 11.63 -7.83 -33.83
C HIS D 125 12.37 -8.62 -34.86
N ASP D 126 12.97 -9.73 -34.43
CA ASP D 126 13.75 -10.56 -35.34
C ASP D 126 12.82 -11.22 -36.35
N GLU D 127 11.70 -11.70 -35.85
CA GLU D 127 10.65 -12.25 -36.69
C GLU D 127 10.35 -11.38 -37.92
N ARG D 128 10.30 -10.05 -37.73
CA ARG D 128 9.96 -9.09 -38.81
C ARG D 128 11.16 -8.80 -39.69
N LEU D 129 12.35 -9.01 -39.15
CA LEU D 129 13.59 -8.90 -39.91
C LEU D 129 13.70 -10.02 -40.94
N GLU D 130 13.38 -11.23 -40.48
CA GLU D 130 13.57 -12.44 -41.28
C GLU D 130 12.64 -12.45 -42.46
N MET D 131 11.52 -11.73 -42.36
CA MET D 131 10.63 -11.56 -43.48
C MET D 131 11.13 -10.46 -44.38
N LEU D 132 11.76 -9.44 -43.80
CA LEU D 132 12.37 -8.41 -44.60
C LEU D 132 13.40 -9.00 -45.54
N GLN D 133 14.39 -9.71 -45.00
CA GLN D 133 15.37 -10.40 -45.84
C GLN D 133 14.73 -11.30 -46.89
N LEU D 134 13.72 -12.07 -46.49
CA LEU D 134 13.09 -12.98 -47.42
C LEU D 134 12.45 -12.23 -48.55
N ILE D 135 11.92 -11.04 -48.27
CA ILE D 135 11.24 -10.24 -49.30
C ILE D 135 12.24 -9.44 -50.13
N ARG D 136 13.44 -9.27 -49.60
CA ARG D 136 14.46 -8.67 -50.39
C ARG D 136 14.95 -9.68 -51.40
N ASP D 137 15.50 -10.77 -50.89
CA ASP D 137 16.05 -11.81 -51.72
C ASP D 137 15.10 -12.11 -52.85
N LEU D 138 13.85 -12.41 -52.51
CA LEU D 138 12.87 -12.68 -53.51
C LEU D 138 12.90 -11.57 -54.54
N SER D 139 12.84 -10.32 -54.07
CA SER D 139 12.55 -9.19 -54.96
C SER D 139 13.53 -9.00 -56.11
N SER D 140 14.79 -9.38 -55.91
CA SER D 140 15.75 -9.36 -57.01
C SER D 140 15.74 -10.64 -57.88
N LYS D 141 15.31 -11.76 -57.31
CA LYS D 141 15.05 -12.93 -58.13
C LYS D 141 13.99 -12.52 -59.10
N VAL D 142 13.01 -11.79 -58.62
CA VAL D 142 11.93 -11.41 -59.51
C VAL D 142 12.37 -10.49 -60.65
N ASP D 143 13.34 -9.62 -60.41
CA ASP D 143 13.84 -8.84 -61.54
C ASP D 143 15.13 -9.34 -62.19
N ARG D 144 15.58 -10.53 -61.78
CA ARG D 144 16.51 -11.26 -62.64
C ARG D 144 15.76 -12.38 -63.42
N LEU D 145 14.43 -12.34 -63.35
CA LEU D 145 13.58 -12.96 -64.36
C LEU D 145 13.24 -11.94 -65.42
N GLU D 146 13.35 -10.65 -65.03
CA GLU D 146 13.19 -9.51 -65.92
C GLU D 146 14.48 -9.13 -66.66
N ARG D 147 15.62 -9.61 -66.17
CA ARG D 147 16.87 -9.47 -66.91
C ARG D 147 17.18 -10.72 -67.72
N ARG D 148 16.73 -11.88 -67.23
CA ARG D 148 16.81 -13.12 -68.02
C ARG D 148 15.45 -13.43 -68.63
N SER D 149 14.87 -12.42 -69.27
CA SER D 149 13.64 -12.52 -70.07
C SER D 149 13.31 -11.19 -70.78
BR BR E . 3.96 -7.77 -36.36
BR BR F . 1.31 -1.99 -11.59
#